data_4GP7
#
_entry.id   4GP7
#
_cell.length_a   45.306
_cell.length_b   66.781
_cell.length_c   119.546
_cell.angle_alpha   90.00
_cell.angle_beta   90.00
_cell.angle_gamma   90.00
#
_symmetry.space_group_name_H-M   'P 21 21 21'
#
loop_
_entity.id
_entity.type
_entity.pdbx_description
1 polymer Metallophosphoesterase
2 non-polymer "ADENOSINE-5'-TRIPHOSPHATE"
3 non-polymer 'MAGNESIUM ION'
4 non-polymer 'CITRIC ACID'
5 non-polymer 'SODIUM ION'
6 water water
#
_entity_poly.entity_id   1
_entity_poly.type   'polypeptide(L)'
_entity_poly.pdbx_seq_one_letter_code
;S(MSE)KLTIPELSLVVLIGSSGSGKSTFAKKHFKPTEVISSDFCRGL(MSE)SDDENDQTVTGAAFDVLHYIVSKRLQL
GKLTVVDATNVQESARKPLIE(MSE)AKDYHCFPVAVVFNLPEKVCQERNKNRTDRQVEEYVIRKHTQQ(MSE)KKSIKG
LQREGFRYVYILNSPEEVEEVVFERQP
;
_entity_poly.pdbx_strand_id   A,B
#
# COMPACT_ATOMS: atom_id res chain seq x y z
N SER A 1 -2.64 5.76 -16.22
CA SER A 1 -2.36 6.46 -14.98
C SER A 1 -2.27 5.50 -13.80
N LYS A 3 -3.75 5.38 -10.20
CA LYS A 3 -4.73 6.08 -9.39
C LYS A 3 -4.49 5.85 -7.92
N LEU A 4 -4.39 6.95 -7.18
CA LEU A 4 -4.29 6.90 -5.73
C LEU A 4 -5.60 7.39 -5.12
N THR A 5 -6.31 6.48 -4.48
CA THR A 5 -7.59 6.80 -3.90
C THR A 5 -7.38 7.33 -2.50
N ILE A 6 -7.99 8.47 -2.20
CA ILE A 6 -7.98 9.00 -0.85
C ILE A 6 -9.37 9.50 -0.48
N PRO A 7 -9.73 9.40 0.80
CA PRO A 7 -11.04 9.94 1.19
C PRO A 7 -10.99 11.46 1.33
N GLU A 8 -12.16 12.08 1.34
CA GLU A 8 -12.25 13.54 1.46
C GLU A 8 -11.58 14.03 2.74
N LEU A 9 -11.79 13.29 3.81
CA LEU A 9 -11.20 13.61 5.09
C LEU A 9 -9.85 12.94 5.22
N SER A 10 -8.88 13.42 4.48
CA SER A 10 -7.55 12.82 4.52
C SER A 10 -6.50 13.74 5.14
N LEU A 11 -5.57 13.12 5.87
CA LEU A 11 -4.30 13.75 6.16
C LEU A 11 -3.26 13.04 5.30
N VAL A 12 -2.85 13.71 4.23
CA VAL A 12 -1.90 13.13 3.31
C VAL A 12 -0.49 13.48 3.77
N VAL A 13 0.29 12.46 4.09
CA VAL A 13 1.65 12.65 4.57
C VAL A 13 2.64 12.30 3.46
N LEU A 14 3.34 13.32 2.96
CA LEU A 14 4.34 13.07 1.93
C LEU A 14 5.64 12.65 2.62
N ILE A 15 6.26 11.60 2.11
CA ILE A 15 7.44 11.02 2.75
C ILE A 15 8.54 10.89 1.71
N GLY A 16 9.63 11.60 1.90
CA GLY A 16 10.73 11.52 0.94
C GLY A 16 11.88 12.43 1.28
N SER A 17 13.06 12.06 0.81
CA SER A 17 14.26 12.84 0.97
C SER A 17 14.10 14.28 0.49
N SER A 18 14.98 15.15 0.96
CA SER A 18 15.13 16.44 0.30
C SER A 18 15.46 16.19 -1.17
N GLY A 19 14.84 16.95 -2.06
CA GLY A 19 15.08 16.78 -3.48
C GLY A 19 14.19 15.73 -4.14
N SER A 20 13.39 15.00 -3.34
CA SER A 20 12.56 13.95 -3.93
C SER A 20 11.32 14.48 -4.69
N GLY A 21 11.09 15.80 -4.65
CA GLY A 21 10.02 16.40 -5.44
C GLY A 21 8.67 16.53 -4.73
N LYS A 22 8.69 16.44 -3.41
CA LYS A 22 7.47 16.52 -2.61
C LYS A 22 6.68 17.79 -2.84
N SER A 23 7.35 18.94 -2.79
CA SER A 23 6.65 20.22 -2.89
C SER A 23 6.11 20.44 -4.30
N THR A 24 6.84 19.93 -5.29
CA THR A 24 6.43 19.98 -6.68
C THR A 24 5.17 19.15 -6.87
N PHE A 25 5.23 17.92 -6.40
CA PHE A 25 4.10 17.00 -6.43
C PHE A 25 2.90 17.64 -5.73
N ALA A 26 3.16 18.26 -4.58
CA ALA A 26 2.07 18.83 -3.79
C ALA A 26 1.35 19.93 -4.57
N LYS A 27 2.13 20.76 -5.27
CA LYS A 27 1.57 21.86 -6.02
C LYS A 27 0.78 21.36 -7.22
N LYS A 28 1.26 20.26 -7.80
CA LYS A 28 0.60 19.67 -8.96
C LYS A 28 -0.79 19.11 -8.63
N HIS A 29 -0.93 18.53 -7.44
CA HIS A 29 -2.09 17.66 -7.16
C HIS A 29 -3.07 18.24 -6.18
N PHE A 30 -2.69 19.29 -5.47
CA PHE A 30 -3.54 19.83 -4.42
C PHE A 30 -3.66 21.35 -4.47
N LYS A 31 -4.70 21.89 -3.86
CA LYS A 31 -4.86 23.32 -3.71
C LYS A 31 -3.80 23.85 -2.76
N PRO A 32 -3.34 25.09 -2.99
CA PRO A 32 -2.33 25.74 -2.13
C PRO A 32 -2.70 25.70 -0.64
N THR A 33 -3.96 25.95 -0.31
CA THR A 33 -4.37 26.01 1.09
C THR A 33 -4.41 24.62 1.72
N GLU A 34 -4.40 23.57 0.91
CA GLU A 34 -4.41 22.22 1.44
C GLU A 34 -3.01 21.78 1.83
N VAL A 35 -2.00 22.45 1.27
CA VAL A 35 -0.61 22.06 1.52
C VAL A 35 0.02 22.90 2.63
N ILE A 36 0.54 22.23 3.66
CA ILE A 36 1.24 22.87 4.76
C ILE A 36 2.66 22.34 4.76
N SER A 37 3.64 23.21 4.50
CA SER A 37 5.02 22.75 4.47
C SER A 37 5.83 23.20 5.70
N SER A 38 6.84 22.40 6.04
CA SER A 38 7.73 22.75 7.12
C SER A 38 8.50 24.02 6.78
N ASP A 39 8.85 24.17 5.49
CA ASP A 39 9.57 25.36 5.03
CA ASP A 39 9.57 25.36 5.06
C ASP A 39 8.70 26.59 5.28
N PHE A 40 7.41 26.47 5.01
CA PHE A 40 6.51 27.59 5.24
C PHE A 40 6.47 27.99 6.73
N CYS A 41 6.32 27.00 7.60
CA CYS A 41 6.23 27.28 9.03
C CYS A 41 7.53 27.87 9.56
N ARG A 42 8.65 27.39 9.02
CA ARG A 42 9.96 27.92 9.39
C ARG A 42 10.03 29.42 9.03
N GLY A 43 9.48 29.73 7.85
CA GLY A 43 9.43 31.10 7.38
C GLY A 43 8.58 32.04 8.23
N LEU A 44 7.61 31.49 8.95
CA LEU A 44 6.80 32.30 9.86
C LEU A 44 7.60 32.72 11.10
N SER A 46 11.16 32.88 11.04
CA SER A 46 12.40 33.56 10.64
C SER A 46 12.46 33.90 9.16
N ASP A 47 13.06 35.05 8.84
CA ASP A 47 13.23 35.45 7.44
C ASP A 47 14.54 34.96 6.82
N ASP A 48 15.34 34.23 7.59
CA ASP A 48 16.47 33.52 7.00
C ASP A 48 15.98 32.21 6.41
N GLU A 49 16.21 32.01 5.12
CA GLU A 49 15.73 30.80 4.45
C GLU A 49 16.37 29.55 5.05
N ASN A 50 15.52 28.59 5.39
CA ASN A 50 15.95 27.39 6.10
C ASN A 50 16.76 27.71 7.36
N ASP A 51 16.17 28.54 8.23
CA ASP A 51 16.74 28.84 9.55
C ASP A 51 16.68 27.61 10.44
N GLN A 52 17.83 27.04 10.74
CA GLN A 52 17.88 25.78 11.50
C GLN A 52 17.75 26.00 13.00
N THR A 53 17.72 27.26 13.41
CA THR A 53 17.66 27.57 14.84
C THR A 53 16.22 27.59 15.36
N VAL A 54 15.25 27.55 14.45
CA VAL A 54 13.84 27.64 14.80
C VAL A 54 13.06 26.38 14.45
N THR A 55 13.76 25.25 14.38
CA THR A 55 13.19 23.99 13.92
C THR A 55 12.02 23.47 14.77
N GLY A 56 12.21 23.38 16.08
CA GLY A 56 11.18 22.90 16.97
C GLY A 56 9.93 23.76 16.90
N ALA A 57 10.11 25.08 16.93
CA ALA A 57 8.98 25.99 16.81
C ALA A 57 8.24 25.79 15.48
N ALA A 58 9.00 25.63 14.39
CA ALA A 58 8.42 25.47 13.07
C ALA A 58 7.58 24.20 13.00
N PHE A 59 8.08 23.12 13.57
CA PHE A 59 7.29 21.89 13.60
C PHE A 59 6.09 21.96 14.56
N ASP A 60 6.22 22.71 15.65
CA ASP A 60 5.06 22.93 16.52
C ASP A 60 3.98 23.69 15.77
N VAL A 61 4.38 24.69 14.99
CA VAL A 61 3.42 25.48 14.23
C VAL A 61 2.73 24.63 13.17
N LEU A 62 3.52 23.78 12.53
CA LEU A 62 3.00 22.86 11.53
C LEU A 62 1.97 21.95 12.15
N HIS A 63 2.31 21.35 13.28
CA HIS A 63 1.37 20.47 13.97
C HIS A 63 0.09 21.21 14.34
N TYR A 64 0.25 22.43 14.82
CA TYR A 64 -0.87 23.22 15.26
C TYR A 64 -1.82 23.53 14.11
N ILE A 65 -1.26 24.02 13.01
CA ILE A 65 -2.04 24.36 11.83
C ILE A 65 -2.75 23.13 11.25
N VAL A 66 -2.04 22.02 11.15
CA VAL A 66 -2.63 20.79 10.67
C VAL A 66 -3.82 20.36 11.56
N SER A 67 -3.63 20.43 12.88
CA SER A 67 -4.66 19.97 13.81
C SER A 67 -5.89 20.84 13.66
N LYS A 68 -5.68 22.15 13.45
CA LYS A 68 -6.79 23.07 13.29
C LYS A 68 -7.54 22.80 11.99
N ARG A 69 -6.83 22.53 10.91
CA ARG A 69 -7.50 22.19 9.66
C ARG A 69 -8.30 20.88 9.78
N LEU A 70 -7.68 19.84 10.33
CA LEU A 70 -8.37 18.55 10.49
C LEU A 70 -9.61 18.72 11.38
N GLN A 71 -9.49 19.60 12.37
CA GLN A 71 -10.58 19.89 13.29
C GLN A 71 -11.79 20.40 12.53
N LEU A 72 -11.54 21.24 11.52
CA LEU A 72 -12.57 21.74 10.62
C LEU A 72 -12.91 20.74 9.53
N GLY A 73 -12.33 19.55 9.62
CA GLY A 73 -12.59 18.50 8.65
C GLY A 73 -12.18 18.87 7.23
N LYS A 74 -11.00 19.48 7.10
CA LYS A 74 -10.50 19.86 5.78
C LYS A 74 -9.28 19.05 5.41
N LEU A 75 -9.27 18.51 4.19
CA LEU A 75 -8.14 17.73 3.70
C LEU A 75 -6.85 18.53 3.79
N THR A 76 -5.78 17.89 4.24
CA THR A 76 -4.54 18.58 4.47
C THR A 76 -3.38 17.69 4.03
N VAL A 77 -2.41 18.30 3.37
CA VAL A 77 -1.22 17.59 2.97
C VAL A 77 -0.04 18.15 3.75
N VAL A 78 0.71 17.27 4.38
CA VAL A 78 1.89 17.66 5.13
C VAL A 78 3.10 17.46 4.24
N ASP A 79 3.70 18.59 3.87
CA ASP A 79 4.84 18.61 2.99
C ASP A 79 6.09 18.83 3.82
N ALA A 80 6.66 17.73 4.28
CA ALA A 80 7.90 17.75 5.04
C ALA A 80 8.58 16.43 4.73
N THR A 81 9.80 16.26 5.19
CA THR A 81 10.57 15.06 4.87
C THR A 81 9.86 13.80 5.39
N ASN A 82 9.46 13.85 6.66
CA ASN A 82 8.65 12.80 7.26
C ASN A 82 9.28 11.42 7.18
N VAL A 83 10.61 11.38 7.12
CA VAL A 83 11.31 10.12 6.96
C VAL A 83 11.59 9.49 8.32
N GLN A 84 11.45 10.28 9.38
CA GLN A 84 11.60 9.73 10.73
C GLN A 84 10.26 9.35 11.34
N GLU A 85 10.24 8.22 12.05
CA GLU A 85 9.02 7.75 12.68
C GLU A 85 8.50 8.79 13.66
N SER A 86 9.42 9.45 14.34
CA SER A 86 9.05 10.44 15.34
C SER A 86 8.33 11.63 14.72
N ALA A 87 8.64 11.93 13.45
CA ALA A 87 7.91 12.97 12.72
C ALA A 87 6.52 12.52 12.24
N ARG A 88 6.37 11.24 11.92
CA ARG A 88 5.10 10.74 11.40
C ARG A 88 4.05 10.46 12.48
N LYS A 89 4.50 9.96 13.62
CA LYS A 89 3.60 9.56 14.69
C LYS A 89 2.63 10.65 15.15
N PRO A 90 3.11 11.90 15.33
CA PRO A 90 2.10 12.85 15.80
C PRO A 90 1.04 13.15 14.75
N LEU A 91 1.41 13.06 13.49
CA LEU A 91 0.47 13.24 12.37
C LEU A 91 -0.58 12.13 12.35
N ILE A 92 -0.14 10.90 12.58
CA ILE A 92 -1.05 9.77 12.66
C ILE A 92 -2.00 9.96 13.84
N GLU A 93 -1.44 10.34 14.99
CA GLU A 93 -2.21 10.48 16.23
C GLU A 93 -3.25 11.58 16.14
N ALA A 95 -4.47 12.71 13.27
CA ALA A 95 -5.48 12.29 12.30
C ALA A 95 -6.52 11.43 12.98
N LYS A 96 -6.05 10.49 13.78
CA LYS A 96 -6.98 9.58 14.45
CA LYS A 96 -6.98 9.57 14.45
C LYS A 96 -7.87 10.32 15.45
N ASP A 97 -7.29 11.32 16.13
CA ASP A 97 -8.04 12.16 17.07
C ASP A 97 -9.23 12.87 16.42
N TYR A 98 -9.03 13.34 15.20
CA TYR A 98 -10.08 14.12 14.55
C TYR A 98 -10.81 13.36 13.43
N HIS A 99 -10.76 12.03 13.50
CA HIS A 99 -11.50 11.13 12.60
C HIS A 99 -11.19 11.35 11.13
N CYS A 100 -9.91 11.47 10.87
CA CYS A 100 -9.43 11.59 9.52
CA CYS A 100 -9.37 11.65 9.55
C CYS A 100 -8.52 10.43 9.21
N PHE A 101 -8.39 10.10 7.93
CA PHE A 101 -7.61 8.93 7.55
C PHE A 101 -6.20 9.36 7.17
N PRO A 102 -5.19 8.84 7.88
CA PRO A 102 -3.84 9.20 7.45
C PRO A 102 -3.45 8.39 6.20
N VAL A 103 -2.92 9.08 5.19
CA VAL A 103 -2.47 8.46 3.96
C VAL A 103 -0.98 8.73 3.79
N ALA A 104 -0.21 7.69 3.48
CA ALA A 104 1.22 7.87 3.25
C ALA A 104 1.51 7.84 1.74
N VAL A 105 2.25 8.83 1.26
CA VAL A 105 2.67 8.87 -0.13
C VAL A 105 4.19 8.95 -0.14
N VAL A 106 4.82 7.84 -0.47
CA VAL A 106 6.26 7.71 -0.31
C VAL A 106 7.00 7.89 -1.63
N PHE A 107 7.98 8.79 -1.64
CA PHE A 107 8.79 9.03 -2.83
C PHE A 107 10.02 8.16 -2.71
N ASN A 108 9.84 6.89 -3.07
CA ASN A 108 10.86 5.87 -2.93
C ASN A 108 11.77 5.90 -4.15
N LEU A 109 12.41 7.05 -4.35
CA LEU A 109 13.28 7.27 -5.51
C LEU A 109 14.71 6.94 -5.11
N PRO A 110 15.51 6.46 -6.06
CA PRO A 110 16.91 6.18 -5.72
C PRO A 110 17.58 7.48 -5.31
N GLU A 111 18.55 7.37 -4.41
CA GLU A 111 19.23 8.50 -3.83
C GLU A 111 19.79 9.43 -4.91
N LYS A 112 20.34 8.84 -5.97
CA LYS A 112 20.99 9.62 -6.99
C LYS A 112 20.02 10.55 -7.72
N VAL A 113 18.75 10.15 -7.82
CA VAL A 113 17.76 11.04 -8.41
C VAL A 113 17.62 12.30 -7.56
N CYS A 114 17.60 12.12 -6.24
CA CYS A 114 17.44 13.25 -5.33
C CYS A 114 18.72 14.10 -5.31
N GLN A 115 19.87 13.43 -5.28
CA GLN A 115 21.16 14.11 -5.34
C GLN A 115 21.25 14.98 -6.59
N GLU A 116 20.76 14.46 -7.71
CA GLU A 116 20.79 15.21 -8.96
C GLU A 116 19.88 16.42 -8.89
N ARG A 117 18.65 16.23 -8.43
CA ARG A 117 17.71 17.35 -8.42
C ARG A 117 18.18 18.44 -7.46
N ASN A 118 18.77 18.01 -6.37
CA ASN A 118 19.32 18.93 -5.37
C ASN A 118 20.29 19.94 -5.99
N LYS A 119 21.19 19.46 -6.83
CA LYS A 119 22.27 20.31 -7.36
C LYS A 119 21.75 21.32 -8.35
N ASN A 120 20.54 21.08 -8.85
CA ASN A 120 19.99 21.99 -9.83
C ASN A 120 18.93 22.91 -9.24
N ARG A 121 18.77 22.86 -7.93
CA ARG A 121 17.81 23.72 -7.23
C ARG A 121 18.26 25.16 -7.16
N THR A 122 17.32 26.05 -7.39
CA THR A 122 17.60 27.48 -7.39
C THR A 122 17.16 28.11 -6.08
N ASP A 123 16.37 27.36 -5.31
CA ASP A 123 15.86 27.88 -4.04
C ASP A 123 16.82 27.62 -2.88
N ARG A 124 17.15 26.35 -2.64
CA ARG A 124 18.09 26.00 -1.59
C ARG A 124 18.60 24.59 -1.84
N GLN A 125 19.77 24.30 -1.31
CA GLN A 125 20.41 23.01 -1.57
C GLN A 125 21.01 22.49 -0.29
N VAL A 126 21.13 21.17 -0.18
CA VAL A 126 21.68 20.56 1.02
C VAL A 126 22.93 19.79 0.66
N GLU A 127 23.74 19.44 1.65
CA GLU A 127 24.93 18.64 1.39
C GLU A 127 24.54 17.20 1.05
N GLU A 128 25.43 16.49 0.35
CA GLU A 128 25.09 15.15 -0.15
C GLU A 128 24.72 14.16 0.94
N TYR A 129 25.35 14.29 2.11
CA TYR A 129 25.10 13.34 3.19
C TYR A 129 23.68 13.50 3.76
N VAL A 130 23.11 14.69 3.62
CA VAL A 130 21.77 14.92 4.11
C VAL A 130 20.82 14.04 3.31
N ILE A 131 20.99 14.07 2.00
CA ILE A 131 20.17 13.28 1.09
C ILE A 131 20.43 11.79 1.24
N ARG A 132 21.69 11.41 1.43
CA ARG A 132 22.02 10.01 1.67
C ARG A 132 21.32 9.51 2.93
N LYS A 133 21.35 10.32 3.99
CA LYS A 133 20.70 9.95 5.24
C LYS A 133 19.18 9.84 5.08
N HIS A 134 18.55 10.87 4.50
CA HIS A 134 17.11 10.86 4.30
C HIS A 134 16.66 9.62 3.56
N THR A 135 17.40 9.26 2.51
CA THR A 135 17.02 8.12 1.68
C THR A 135 17.10 6.83 2.47
N GLN A 136 18.15 6.66 3.26
CA GLN A 136 18.29 5.47 4.09
C GLN A 136 17.11 5.42 5.04
N GLN A 137 16.78 6.56 5.63
CA GLN A 137 15.72 6.62 6.63
C GLN A 137 14.38 6.31 6.00
N LYS A 139 13.87 4.51 3.21
CA LYS A 139 13.86 3.10 2.82
C LYS A 139 13.54 2.21 4.02
N LYS A 140 14.12 2.55 5.17
CA LYS A 140 13.85 1.79 6.39
C LYS A 140 12.41 1.95 6.85
N SER A 141 11.74 3.01 6.41
CA SER A 141 10.42 3.32 6.94
C SER A 141 9.31 2.53 6.26
N ILE A 142 9.58 2.11 5.02
CA ILE A 142 8.51 1.67 4.14
C ILE A 142 7.73 0.48 4.68
N LYS A 143 8.45 -0.56 5.10
CA LYS A 143 7.84 -1.79 5.55
C LYS A 143 6.79 -1.57 6.66
N GLY A 144 7.10 -0.72 7.63
CA GLY A 144 6.23 -0.58 8.79
C GLY A 144 5.17 0.52 8.74
N LEU A 145 5.03 1.18 7.59
CA LEU A 145 4.08 2.29 7.50
C LEU A 145 2.63 1.90 7.81
N GLN A 146 2.14 0.81 7.23
CA GLN A 146 0.76 0.38 7.46
C GLN A 146 0.56 0.17 8.95
N ARG A 147 1.51 -0.52 9.55
CA ARG A 147 1.48 -0.87 10.96
C ARG A 147 1.55 0.38 11.87
N GLU A 148 2.22 1.43 11.39
CA GLU A 148 2.29 2.69 12.15
C GLU A 148 0.93 3.33 12.27
N GLY A 149 0.03 2.99 11.36
CA GLY A 149 -1.32 3.50 11.45
C GLY A 149 -1.83 4.17 10.18
N PHE A 150 -1.02 4.17 9.14
CA PHE A 150 -1.49 4.73 7.88
C PHE A 150 -2.56 3.81 7.30
N ARG A 151 -3.70 4.38 6.94
CA ARG A 151 -4.81 3.60 6.36
C ARG A 151 -4.50 3.17 4.93
N TYR A 152 -3.82 4.02 4.19
CA TYR A 152 -3.43 3.70 2.82
C TYR A 152 -1.96 4.06 2.67
N VAL A 153 -1.21 3.15 2.07
CA VAL A 153 0.21 3.36 1.85
C VAL A 153 0.49 3.25 0.36
N TYR A 154 0.90 4.36 -0.26
CA TYR A 154 1.17 4.39 -1.69
C TYR A 154 2.64 4.68 -1.89
N ILE A 155 3.36 3.69 -2.43
CA ILE A 155 4.80 3.81 -2.61
C ILE A 155 5.07 4.07 -4.10
N LEU A 156 5.72 5.19 -4.41
CA LEU A 156 6.05 5.53 -5.79
C LEU A 156 7.52 5.20 -5.99
N ASN A 157 7.83 4.33 -6.95
CA ASN A 157 9.16 3.74 -7.04
C ASN A 157 10.08 4.34 -8.10
N SER A 158 9.56 5.26 -8.90
CA SER A 158 10.37 5.84 -9.95
C SER A 158 9.73 7.14 -10.39
N PRO A 159 10.51 8.04 -11.02
CA PRO A 159 9.93 9.29 -11.52
C PRO A 159 8.73 9.08 -12.44
N GLU A 160 8.79 8.05 -13.26
CA GLU A 160 7.73 7.70 -14.19
C GLU A 160 6.44 7.41 -13.42
N GLU A 161 6.56 6.65 -12.34
CA GLU A 161 5.40 6.36 -11.51
C GLU A 161 4.88 7.63 -10.86
N VAL A 162 5.80 8.46 -10.37
CA VAL A 162 5.43 9.74 -9.78
C VAL A 162 4.66 10.61 -10.79
N GLU A 163 5.13 10.61 -12.02
CA GLU A 163 4.47 11.39 -13.09
C GLU A 163 3.05 10.90 -13.39
N GLU A 164 2.85 9.58 -13.37
CA GLU A 164 1.57 9.00 -13.75
C GLU A 164 0.48 9.21 -12.70
N VAL A 165 0.88 9.59 -11.49
CA VAL A 165 -0.05 9.67 -10.38
C VAL A 165 -1.28 10.51 -10.68
N VAL A 166 -2.45 9.98 -10.33
CA VAL A 166 -3.66 10.78 -10.28
C VAL A 166 -4.44 10.40 -9.04
N PHE A 167 -4.85 11.42 -8.27
CA PHE A 167 -5.63 11.16 -7.08
C PHE A 167 -7.09 11.09 -7.44
N GLU A 168 -7.79 10.15 -6.81
CA GLU A 168 -9.23 10.15 -6.84
C GLU A 168 -9.70 10.36 -5.41
N ARG A 169 -10.37 11.49 -5.18
CA ARG A 169 -10.92 11.79 -3.87
C ARG A 169 -12.30 11.18 -3.79
N GLN A 170 -12.54 10.40 -2.75
CA GLN A 170 -13.85 9.80 -2.54
C GLN A 170 -14.63 10.49 -1.42
N PRO A 171 -15.60 11.35 -1.79
CA PRO A 171 -16.51 11.99 -0.85
C PRO A 171 -17.91 11.40 -0.94
N SER B 1 -5.80 -3.62 16.36
CA SER B 1 -6.49 -3.98 15.12
C SER B 1 -5.94 -3.18 13.95
N LYS B 3 -7.10 -1.89 10.44
CA LYS B 3 -8.28 -1.71 9.61
C LYS B 3 -7.90 -1.51 8.15
N LEU B 4 -8.38 -2.41 7.29
CA LEU B 4 -8.10 -2.32 5.87
C LEU B 4 -9.41 -2.03 5.16
N THR B 5 -9.39 -1.02 4.30
CA THR B 5 -10.59 -0.64 3.60
C THR B 5 -10.75 -1.45 2.33
N ILE B 6 -11.94 -2.00 2.12
CA ILE B 6 -12.26 -2.53 0.79
C ILE B 6 -13.64 -2.08 0.30
N PRO B 7 -13.68 -1.48 -0.89
CA PRO B 7 -14.93 -1.06 -1.51
C PRO B 7 -15.89 -2.23 -1.60
N GLU B 8 -17.19 -1.94 -1.57
CA GLU B 8 -18.22 -2.97 -1.65
C GLU B 8 -18.02 -3.82 -2.90
N LEU B 9 -17.54 -3.17 -3.95
CA LEU B 9 -17.30 -3.77 -5.24
C LEU B 9 -15.81 -3.96 -5.44
N SER B 10 -15.27 -5.06 -4.95
CA SER B 10 -13.83 -5.29 -5.04
C SER B 10 -13.49 -6.66 -5.61
N LEU B 11 -12.35 -6.74 -6.27
CA LEU B 11 -11.72 -8.01 -6.53
C LEU B 11 -10.56 -8.14 -5.55
N VAL B 12 -10.69 -9.06 -4.60
CA VAL B 12 -9.69 -9.22 -3.55
C VAL B 12 -8.74 -10.35 -3.91
N VAL B 13 -7.49 -10.01 -4.17
CA VAL B 13 -6.54 -11.00 -4.63
C VAL B 13 -5.61 -11.38 -3.47
N LEU B 14 -5.76 -12.60 -2.98
CA LEU B 14 -4.89 -13.05 -1.90
C LEU B 14 -3.59 -13.54 -2.51
N ILE B 15 -2.48 -13.12 -1.94
CA ILE B 15 -1.18 -13.42 -2.50
C ILE B 15 -0.32 -14.05 -1.43
N GLY B 16 0.03 -15.31 -1.60
CA GLY B 16 0.88 -15.92 -0.61
C GLY B 16 1.19 -17.35 -0.93
N SER B 17 2.26 -17.84 -0.32
CA SER B 17 2.71 -19.20 -0.48
C SER B 17 1.68 -20.21 0.01
N SER B 18 1.75 -21.43 -0.52
CA SER B 18 1.01 -22.51 0.09
C SER B 18 1.43 -22.55 1.56
N GLY B 19 0.47 -22.71 2.44
CA GLY B 19 0.79 -22.75 3.85
C GLY B 19 0.76 -21.41 4.56
N SER B 20 0.66 -20.31 3.83
CA SER B 20 0.61 -18.99 4.44
C SER B 20 -0.74 -18.63 5.07
N GLY B 21 -1.75 -19.47 4.88
CA GLY B 21 -3.01 -19.26 5.58
C GLY B 21 -4.07 -18.50 4.79
N LYS B 22 -3.91 -18.47 3.47
CA LYS B 22 -4.83 -17.76 2.60
C LYS B 22 -6.29 -18.21 2.79
N SER B 23 -6.53 -19.52 2.72
CA SER B 23 -7.87 -20.05 2.77
C SER B 23 -8.50 -19.88 4.15
N THR B 24 -7.68 -20.03 5.18
CA THR B 24 -8.14 -19.81 6.54
C THR B 24 -8.56 -18.36 6.75
N PHE B 25 -7.77 -17.45 6.19
CA PHE B 25 -8.01 -16.02 6.30
C PHE B 25 -9.32 -15.69 5.56
N ALA B 26 -9.45 -16.26 4.36
CA ALA B 26 -10.62 -16.03 3.52
C ALA B 26 -11.89 -16.45 4.23
N LYS B 27 -11.85 -17.60 4.90
CA LYS B 27 -13.00 -18.13 5.63
C LYS B 27 -13.34 -17.26 6.84
N LYS B 28 -12.32 -16.77 7.52
CA LYS B 28 -12.56 -15.85 8.63
C LYS B 28 -13.21 -14.54 8.18
N HIS B 29 -12.79 -14.01 7.03
CA HIS B 29 -13.18 -12.64 6.70
C HIS B 29 -14.29 -12.48 5.66
N PHE B 30 -14.56 -13.50 4.87
CA PHE B 30 -15.52 -13.35 3.77
C PHE B 30 -16.55 -14.46 3.77
N LYS B 31 -17.65 -14.23 3.07
CA LYS B 31 -18.68 -15.23 2.89
C LYS B 31 -18.13 -16.35 2.02
N PRO B 32 -18.55 -17.59 2.30
CA PRO B 32 -18.13 -18.76 1.51
C PRO B 32 -18.33 -18.58 0.00
N THR B 33 -19.45 -17.96 -0.41
CA THR B 33 -19.75 -17.79 -1.83
C THR B 33 -18.95 -16.66 -2.49
N GLU B 34 -18.30 -15.84 -1.67
CA GLU B 34 -17.45 -14.78 -2.20
C GLU B 34 -16.06 -15.31 -2.58
N VAL B 35 -15.71 -16.48 -2.06
CA VAL B 35 -14.34 -16.97 -2.21
C VAL B 35 -14.23 -18.06 -3.28
N ILE B 36 -13.51 -17.76 -4.34
CA ILE B 36 -13.29 -18.74 -5.40
C ILE B 36 -11.82 -19.18 -5.32
N SER B 37 -11.58 -20.47 -5.10
CA SER B 37 -10.19 -20.95 -4.94
C SER B 37 -9.71 -21.84 -6.09
N SER B 38 -8.40 -21.88 -6.30
CA SER B 38 -7.83 -22.70 -7.36
C SER B 38 -8.03 -24.20 -7.08
N ASP B 39 -8.01 -24.59 -5.80
CA ASP B 39 -8.25 -26.00 -5.45
C ASP B 39 -9.64 -26.42 -5.90
N PHE B 40 -10.60 -25.56 -5.64
CA PHE B 40 -11.97 -25.84 -6.01
C PHE B 40 -12.07 -25.99 -7.53
N CYS B 41 -11.51 -25.03 -8.25
CA CYS B 41 -11.57 -25.08 -9.71
C CYS B 41 -10.82 -26.29 -10.29
N ARG B 42 -9.71 -26.67 -9.66
CA ARG B 42 -9.00 -27.88 -10.06
C ARG B 42 -9.88 -29.09 -9.88
N GLY B 43 -10.60 -29.12 -8.75
CA GLY B 43 -11.52 -30.19 -8.44
C GLY B 43 -12.60 -30.36 -9.47
N LEU B 44 -12.97 -29.27 -10.15
CA LEU B 44 -13.99 -29.33 -11.18
C LEU B 44 -13.50 -30.01 -12.46
N SER B 46 -10.88 -32.45 -12.37
CA SER B 46 -10.35 -33.77 -12.06
C SER B 46 -10.48 -34.11 -10.57
N ASP B 47 -10.66 -35.40 -10.29
CA ASP B 47 -10.68 -35.85 -8.89
C ASP B 47 -9.28 -36.28 -8.41
N ASP B 48 -8.33 -36.33 -9.34
CA ASP B 48 -6.94 -36.67 -8.99
C ASP B 48 -6.17 -35.41 -8.64
N GLU B 49 -5.86 -35.26 -7.35
CA GLU B 49 -5.16 -34.07 -6.85
C GLU B 49 -3.83 -33.81 -7.56
N ASN B 50 -3.07 -34.87 -7.84
CA ASN B 50 -1.74 -34.72 -8.44
C ASN B 50 -1.72 -34.59 -9.96
N ASP B 51 -2.87 -34.34 -10.57
CA ASP B 51 -2.94 -34.22 -12.03
C ASP B 51 -2.60 -32.80 -12.50
N GLN B 52 -1.55 -32.70 -13.31
CA GLN B 52 -0.98 -31.41 -13.70
C GLN B 52 -1.40 -30.93 -15.08
N THR B 53 -1.92 -31.84 -15.91
CA THR B 53 -2.42 -31.48 -17.23
C THR B 53 -3.66 -30.62 -17.09
N VAL B 54 -4.25 -30.67 -15.89
CA VAL B 54 -5.50 -29.99 -15.56
C VAL B 54 -5.33 -28.49 -15.24
N THR B 55 -4.14 -28.12 -14.77
CA THR B 55 -3.97 -26.80 -14.15
C THR B 55 -4.23 -25.59 -15.06
N GLY B 56 -3.93 -25.71 -16.36
CA GLY B 56 -4.23 -24.64 -17.30
C GLY B 56 -5.72 -24.40 -17.45
N ALA B 57 -6.49 -25.47 -17.53
CA ALA B 57 -7.93 -25.34 -17.68
C ALA B 57 -8.58 -24.86 -16.38
N ALA B 58 -8.07 -25.32 -15.24
CA ALA B 58 -8.58 -24.87 -13.94
C ALA B 58 -8.33 -23.38 -13.72
N PHE B 59 -7.17 -22.93 -14.16
CA PHE B 59 -6.81 -21.52 -14.22
C PHE B 59 -7.85 -20.77 -15.02
N ASP B 60 -8.13 -21.27 -16.22
CA ASP B 60 -9.10 -20.64 -17.11
C ASP B 60 -10.51 -20.61 -16.50
N VAL B 61 -10.87 -21.69 -15.80
CA VAL B 61 -12.15 -21.79 -15.11
C VAL B 61 -12.22 -20.80 -13.92
N LEU B 62 -11.13 -20.67 -13.18
CA LEU B 62 -11.12 -19.74 -12.05
CA LEU B 62 -11.06 -19.73 -12.05
C LEU B 62 -11.35 -18.30 -12.53
N HIS B 63 -10.64 -17.89 -13.58
CA HIS B 63 -10.78 -16.57 -14.15
C HIS B 63 -12.17 -16.30 -14.66
N TYR B 64 -12.76 -17.31 -15.29
CA TYR B 64 -14.05 -17.09 -15.90
C TYR B 64 -15.14 -16.91 -14.85
N ILE B 65 -15.13 -17.76 -13.82
CA ILE B 65 -16.09 -17.66 -12.73
C ILE B 65 -15.96 -16.32 -12.02
N VAL B 66 -14.74 -15.93 -11.73
CA VAL B 66 -14.50 -14.65 -11.09
C VAL B 66 -15.03 -13.51 -11.95
N SER B 67 -14.73 -13.54 -13.25
CA SER B 67 -15.16 -12.47 -14.14
C SER B 67 -16.69 -12.35 -14.24
N LYS B 68 -17.40 -13.47 -14.28
CA LYS B 68 -18.86 -13.41 -14.29
C LYS B 68 -19.41 -12.82 -13.00
N ARG B 69 -18.78 -13.15 -11.87
CA ARG B 69 -19.18 -12.55 -10.60
C ARG B 69 -18.96 -11.04 -10.59
N LEU B 70 -17.80 -10.61 -11.09
CA LEU B 70 -17.46 -9.20 -11.11
C LEU B 70 -18.43 -8.47 -12.02
N GLN B 71 -18.78 -9.12 -13.12
CA GLN B 71 -19.73 -8.57 -14.07
C GLN B 71 -21.09 -8.34 -13.42
N LEU B 72 -21.44 -9.21 -12.48
CA LEU B 72 -22.70 -9.13 -11.75
C LEU B 72 -22.61 -8.17 -10.57
N GLY B 73 -21.47 -7.52 -10.43
CA GLY B 73 -21.26 -6.57 -9.35
C GLY B 73 -21.01 -7.19 -7.99
N LYS B 74 -20.48 -8.40 -7.96
CA LYS B 74 -20.34 -9.11 -6.68
C LYS B 74 -18.90 -9.21 -6.21
N LEU B 75 -18.63 -8.70 -5.01
CA LEU B 75 -17.32 -8.80 -4.40
C LEU B 75 -16.83 -10.24 -4.48
N THR B 76 -15.59 -10.40 -4.88
CA THR B 76 -15.05 -11.73 -5.08
C THR B 76 -13.63 -11.81 -4.54
N VAL B 77 -13.31 -12.89 -3.84
CA VAL B 77 -11.95 -13.11 -3.37
C VAL B 77 -11.30 -14.26 -4.16
N VAL B 78 -10.12 -14.01 -4.69
CA VAL B 78 -9.38 -15.03 -5.39
C VAL B 78 -8.41 -15.70 -4.42
N ASP B 79 -8.76 -16.90 -3.99
CA ASP B 79 -7.97 -17.65 -3.06
C ASP B 79 -7.08 -18.62 -3.83
N ALA B 80 -5.93 -18.10 -4.25
CA ALA B 80 -4.93 -18.89 -4.94
C ALA B 80 -3.61 -18.26 -4.57
N THR B 81 -2.49 -18.90 -4.91
CA THR B 81 -1.21 -18.37 -4.48
C THR B 81 -0.93 -17.00 -5.10
N ASN B 82 -1.27 -16.83 -6.37
CA ASN B 82 -1.14 -15.56 -7.07
C ASN B 82 0.24 -14.91 -6.93
N VAL B 83 1.28 -15.72 -6.74
CA VAL B 83 2.63 -15.19 -6.56
C VAL B 83 3.37 -14.89 -7.87
N GLN B 84 2.80 -15.33 -9.00
CA GLN B 84 3.36 -14.98 -10.31
C GLN B 84 2.64 -13.82 -10.96
N GLU B 85 3.41 -12.92 -11.56
CA GLU B 85 2.87 -11.77 -12.27
C GLU B 85 1.86 -12.22 -13.34
N SER B 86 2.19 -13.30 -14.05
CA SER B 86 1.32 -13.84 -15.09
C SER B 86 -0.03 -14.28 -14.53
N ALA B 87 -0.03 -14.70 -13.28
CA ALA B 87 -1.27 -15.09 -12.62
C ALA B 87 -2.13 -13.86 -12.29
N ARG B 88 -1.48 -12.77 -11.92
CA ARG B 88 -2.22 -11.59 -11.48
C ARG B 88 -2.73 -10.74 -12.63
N LYS B 89 -1.99 -10.71 -13.73
CA LYS B 89 -2.33 -9.85 -14.85
C LYS B 89 -3.79 -9.97 -15.28
N PRO B 90 -4.27 -11.20 -15.57
CA PRO B 90 -5.67 -11.24 -16.02
C PRO B 90 -6.67 -10.83 -14.94
N LEU B 91 -6.27 -10.90 -13.66
CA LEU B 91 -7.17 -10.52 -12.58
C LEU B 91 -7.37 -9.02 -12.59
N ILE B 92 -6.27 -8.30 -12.82
CA ILE B 92 -6.32 -6.84 -12.90
C ILE B 92 -7.15 -6.41 -14.09
N GLU B 93 -6.95 -7.05 -15.24
CA GLU B 93 -7.68 -6.73 -16.44
C GLU B 93 -9.19 -6.89 -16.21
N ALA B 95 -10.88 -6.78 -13.43
CA ALA B 95 -11.35 -5.79 -12.47
C ALA B 95 -11.56 -4.43 -13.15
N LYS B 96 -10.60 -4.04 -13.97
CA LYS B 96 -10.76 -2.82 -14.78
C LYS B 96 -12.00 -2.96 -15.66
N ASP B 97 -12.10 -4.11 -16.34
CA ASP B 97 -13.16 -4.34 -17.33
C ASP B 97 -14.55 -4.14 -16.76
N TYR B 98 -14.75 -4.64 -15.54
CA TYR B 98 -16.06 -4.54 -14.90
C TYR B 98 -16.11 -3.52 -13.77
N HIS B 99 -15.16 -2.58 -13.80
CA HIS B 99 -15.13 -1.45 -12.86
C HIS B 99 -15.18 -1.85 -11.39
N CYS B 100 -14.39 -2.85 -11.04
CA CYS B 100 -14.23 -3.24 -9.66
C CYS B 100 -12.87 -2.74 -9.21
N PHE B 101 -12.70 -2.59 -7.89
CA PHE B 101 -11.42 -2.21 -7.33
C PHE B 101 -10.55 -3.44 -7.04
N PRO B 102 -9.38 -3.53 -7.69
CA PRO B 102 -8.50 -4.65 -7.37
C PRO B 102 -7.69 -4.36 -6.11
N VAL B 103 -7.78 -5.28 -5.15
CA VAL B 103 -7.11 -5.13 -3.87
C VAL B 103 -6.17 -6.31 -3.69
N ALA B 104 -4.91 -6.04 -3.40
CA ALA B 104 -3.96 -7.10 -3.08
C ALA B 104 -3.80 -7.26 -1.57
N VAL B 105 -3.93 -8.49 -1.10
CA VAL B 105 -3.64 -8.78 0.29
C VAL B 105 -2.51 -9.79 0.33
N VAL B 106 -1.35 -9.35 0.80
CA VAL B 106 -0.14 -10.16 0.71
C VAL B 106 0.27 -10.75 2.04
N PHE B 107 0.46 -12.07 2.02
CA PHE B 107 0.84 -12.82 3.20
C PHE B 107 2.37 -12.91 3.25
N ASN B 108 2.99 -11.84 3.72
CA ASN B 108 4.44 -11.73 3.68
C ASN B 108 5.06 -12.37 4.92
N LEU B 109 4.89 -13.68 5.02
CA LEU B 109 5.33 -14.41 6.20
C LEU B 109 6.65 -15.07 5.86
N PRO B 110 7.45 -15.37 6.89
CA PRO B 110 8.73 -16.03 6.59
C PRO B 110 8.46 -17.42 6.03
N GLU B 111 9.38 -17.92 5.19
CA GLU B 111 9.26 -19.25 4.63
C GLU B 111 9.10 -20.33 5.70
N LYS B 112 9.79 -20.17 6.81
CA LYS B 112 9.72 -21.16 7.89
C LYS B 112 8.31 -21.32 8.46
N VAL B 113 7.60 -20.21 8.64
CA VAL B 113 6.24 -20.30 9.19
C VAL B 113 5.35 -21.12 8.26
N CYS B 114 5.50 -20.92 6.95
CA CYS B 114 4.70 -21.66 5.96
C CYS B 114 5.10 -23.12 5.88
N GLN B 115 6.40 -23.41 5.91
CA GLN B 115 6.86 -24.80 5.93
C GLN B 115 6.30 -25.59 7.11
N GLU B 116 6.36 -24.99 8.30
CA GLU B 116 5.90 -25.63 9.52
C GLU B 116 4.38 -25.87 9.53
N ARG B 117 3.61 -24.93 8.99
CA ARG B 117 2.17 -25.15 8.85
C ARG B 117 1.90 -26.25 7.82
N ASN B 118 2.66 -26.25 6.74
CA ASN B 118 2.54 -27.30 5.72
C ASN B 118 2.77 -28.70 6.29
N LYS B 119 3.78 -28.82 7.15
CA LYS B 119 4.07 -30.09 7.83
C LYS B 119 2.94 -30.54 8.76
N ASN B 120 2.21 -29.58 9.33
CA ASN B 120 1.18 -29.91 10.29
C ASN B 120 -0.22 -30.00 9.70
N ARG B 121 -0.35 -29.79 8.39
CA ARG B 121 -1.64 -29.87 7.72
C ARG B 121 -2.10 -31.30 7.64
N THR B 122 -3.39 -31.52 7.92
CA THR B 122 -3.98 -32.84 7.80
C THR B 122 -4.87 -32.98 6.58
N ASP B 123 -5.16 -31.87 5.90
CA ASP B 123 -6.02 -31.92 4.72
C ASP B 123 -5.28 -32.32 3.45
N ARG B 124 -4.21 -31.61 3.14
CA ARG B 124 -3.36 -31.92 2.00
C ARG B 124 -2.05 -31.15 2.18
N GLN B 125 -0.96 -31.66 1.61
CA GLN B 125 0.34 -31.03 1.81
C GLN B 125 1.05 -30.86 0.49
N VAL B 126 1.94 -29.88 0.42
CA VAL B 126 2.78 -29.73 -0.77
C VAL B 126 4.21 -30.11 -0.42
N GLU B 127 5.04 -30.29 -1.44
CA GLU B 127 6.44 -30.58 -1.17
C GLU B 127 7.15 -29.31 -0.75
N GLU B 128 8.13 -29.43 0.15
CA GLU B 128 8.84 -28.26 0.67
C GLU B 128 9.42 -27.32 -0.38
N TYR B 129 9.86 -27.88 -1.51
CA TYR B 129 10.45 -27.03 -2.55
C TYR B 129 9.39 -26.08 -3.14
N VAL B 130 8.13 -26.49 -3.09
CA VAL B 130 7.05 -25.68 -3.65
C VAL B 130 6.93 -24.40 -2.83
N ILE B 131 6.97 -24.55 -1.51
CA ILE B 131 6.87 -23.43 -0.59
C ILE B 131 8.08 -22.50 -0.65
N ARG B 132 9.27 -23.07 -0.83
CA ARG B 132 10.48 -22.26 -0.98
C ARG B 132 10.31 -21.33 -2.18
N LYS B 133 9.88 -21.90 -3.29
CA LYS B 133 9.77 -21.14 -4.53
C LYS B 133 8.64 -20.09 -4.46
N HIS B 134 7.51 -20.47 -3.86
CA HIS B 134 6.40 -19.54 -3.68
C HIS B 134 6.86 -18.30 -2.92
N THR B 135 7.54 -18.54 -1.79
CA THR B 135 7.93 -17.46 -0.91
C THR B 135 8.86 -16.49 -1.64
N GLN B 136 9.79 -17.04 -2.42
CA GLN B 136 10.68 -16.22 -3.22
C GLN B 136 9.90 -15.40 -4.23
N GLN B 137 8.98 -16.05 -4.94
CA GLN B 137 8.11 -15.35 -5.87
C GLN B 137 7.27 -14.27 -5.20
N LYS B 139 7.91 -12.62 -2.37
CA LYS B 139 8.79 -11.53 -2.01
C LYS B 139 9.15 -10.65 -3.20
N LYS B 140 9.46 -11.27 -4.33
CA LYS B 140 9.80 -10.51 -5.53
C LYS B 140 8.63 -9.71 -6.10
N SER B 141 7.40 -10.09 -5.75
CA SER B 141 6.22 -9.43 -6.30
C SER B 141 5.84 -8.12 -5.61
N ILE B 142 6.22 -7.98 -4.35
CA ILE B 142 5.67 -6.94 -3.50
C ILE B 142 5.83 -5.54 -4.07
N LYS B 143 7.06 -5.17 -4.42
CA LYS B 143 7.35 -3.81 -4.88
C LYS B 143 6.50 -3.36 -6.07
N GLY B 144 6.16 -4.31 -6.94
CA GLY B 144 5.53 -3.98 -8.21
C GLY B 144 4.02 -3.96 -8.20
N LEU B 145 3.40 -4.33 -7.08
CA LEU B 145 1.96 -4.58 -7.06
C LEU B 145 1.12 -3.36 -7.42
N GLN B 146 1.45 -2.21 -6.85
CA GLN B 146 0.69 -0.99 -7.13
C GLN B 146 0.80 -0.66 -8.62
N ARG B 147 2.01 -0.79 -9.15
CA ARG B 147 2.27 -0.52 -10.56
C ARG B 147 1.50 -1.51 -11.46
N GLU B 148 1.33 -2.75 -11.02
CA GLU B 148 0.55 -3.72 -11.79
C GLU B 148 -0.90 -3.29 -11.99
N GLY B 149 -1.42 -2.46 -11.09
CA GLY B 149 -2.77 -1.95 -11.25
C GLY B 149 -3.61 -2.16 -10.02
N PHE B 150 -3.01 -2.72 -8.97
CA PHE B 150 -3.72 -2.83 -7.71
C PHE B 150 -3.90 -1.43 -7.12
N ARG B 151 -5.12 -1.11 -6.75
CA ARG B 151 -5.42 0.22 -6.23
C ARG B 151 -5.14 0.29 -4.73
N TYR B 152 -5.36 -0.81 -4.02
CA TYR B 152 -4.99 -0.90 -2.60
C TYR B 152 -4.07 -2.10 -2.40
N VAL B 153 -2.92 -1.87 -1.77
CA VAL B 153 -1.96 -2.95 -1.58
C VAL B 153 -1.71 -3.07 -0.07
N TYR B 154 -2.10 -4.20 0.48
CA TYR B 154 -2.01 -4.41 1.92
C TYR B 154 -1.06 -5.56 2.17
N ILE B 155 0.06 -5.26 2.82
CA ILE B 155 1.08 -6.27 3.06
C ILE B 155 1.02 -6.66 4.51
N LEU B 156 0.77 -7.94 4.79
CA LEU B 156 0.75 -8.44 6.14
C LEU B 156 2.10 -9.11 6.47
N ASN B 157 2.84 -8.55 7.42
CA ASN B 157 4.25 -8.90 7.60
C ASN B 157 4.54 -9.91 8.70
N SER B 158 3.52 -10.36 9.41
CA SER B 158 3.72 -11.33 10.48
C SER B 158 2.40 -11.98 10.82
N PRO B 159 2.44 -13.15 11.47
CA PRO B 159 1.18 -13.77 11.91
C PRO B 159 0.36 -12.85 12.80
N GLU B 160 1.01 -12.04 13.63
CA GLU B 160 0.25 -11.17 14.50
C GLU B 160 -0.48 -10.10 13.70
N GLU B 161 0.13 -9.64 12.61
CA GLU B 161 -0.54 -8.64 11.80
C GLU B 161 -1.71 -9.24 11.06
N VAL B 162 -1.54 -10.45 10.53
CA VAL B 162 -2.64 -11.17 9.89
C VAL B 162 -3.83 -11.32 10.84
N GLU B 163 -3.55 -11.66 12.09
CA GLU B 163 -4.59 -11.89 13.09
C GLU B 163 -5.39 -10.62 13.42
N GLU B 164 -4.73 -9.47 13.37
CA GLU B 164 -5.35 -8.21 13.77
C GLU B 164 -6.19 -7.56 12.69
N VAL B 165 -6.07 -8.06 11.45
CA VAL B 165 -6.76 -7.47 10.32
C VAL B 165 -8.28 -7.44 10.52
N VAL B 166 -8.88 -6.28 10.33
CA VAL B 166 -10.33 -6.19 10.17
C VAL B 166 -10.66 -5.39 8.91
N PHE B 167 -11.51 -5.94 8.07
CA PHE B 167 -11.87 -5.24 6.83
C PHE B 167 -13.04 -4.33 7.09
N GLU B 168 -12.96 -3.12 6.53
CA GLU B 168 -14.09 -2.20 6.55
C GLU B 168 -14.53 -1.99 5.12
N ARG B 169 -15.80 -2.27 4.84
CA ARG B 169 -16.33 -2.13 3.49
C ARG B 169 -17.07 -0.83 3.37
N GLN B 170 -16.32 0.25 3.49
CA GLN B 170 -16.91 1.58 3.50
C GLN B 170 -17.35 2.03 2.10
N PRO B 171 -16.41 2.09 1.13
CA PRO B 171 -16.80 2.67 -0.16
C PRO B 171 -17.57 1.68 -1.03
#